data_8QOW
#
_entry.id   8QOW
#
_cell.length_a   76.845
_cell.length_b   87.182
_cell.length_c   98.858
_cell.angle_alpha   90.00
_cell.angle_beta   90.00
_cell.angle_gamma   90.00
#
_symmetry.space_group_name_H-M   'P 21 21 21'
#
loop_
_entity.id
_entity.type
_entity.pdbx_description
1 polymer 'Leukotriene A-4 hydrolase'
2 non-polymer 'ZINC ION'
3 non-polymer 'ACETATE ION'
4 non-polymer 'YTTERBIUM (III) ION'
5 non-polymer IMIDAZOLE
6 non-polymer (2~{S})-2-azanyl-3-[3-[4-[3-fluoranyl-5-(1~{H}-pyrazol-5-yl)pyridin-2-yl]oxyphenyl]pyrazol-1-yl]propan-1-ol
7 water water
#
_entity_poly.entity_id   1
_entity_poly.type   'polypeptide(L)'
_entity_poly.pdbx_seq_one_letter_code
;GPGPEIVDTCSLASPASVCRTKHLHLRCSVDFTRRTLTGTAALTVQSQEDNLRSLVLDTKDLTIEKVVINGQEVKYALGE
RQSYKGSPMEISLPIALSKNQEIVIEISFETSPKSSALQWLTPEQTSGKEHPYLFSQCQAIHCRAILPCQDTPSVKLTYT
AEVSVPKELVALMSAIRDGETPDPEDPSRKIYKFIQKVPIPCYLIALVVGALESRQIGPRTLVWSEKEQVEKSAYEFSET
ESMLKIAEDLGGPYVWGQYDLLVLPPSFPYGGMENPCLTFVTPTLLAGDKSLSNVIAHEISHSWTGNLVTNKTWDHFWLN
EGHTVYLERHICGRLFGEKFRHFNALGGWGELQNSVKTFGETHPFTKLVVDLTDIDPDVAYSSVPYEKGFALLFYLEQLL
GGPEIFLGFLKAYVEKFSYKSITTDDWKDFLYSYFKDKVDVLNQVDWNAWLYSPGLPPIKPNYDMTLTNACIALSQRWIT
AKEDDLNSFNATDLKDLSSHQLNEFLAQTLQRAPLPLGHIKRMQEVYNFNAINNSEIRFRWLRLCIQSKWEDAIPLALKM
ATEQGRMKFTRPLFKDLAAFDKSHDQAVRTYQEHKASMHPVTAMLVGKDLKVD
;
_entity_poly.pdbx_strand_id   A
#
# COMPACT_ATOMS: atom_id res chain seq x y z
N VAL A 7 -6.39 -11.16 19.97
CA VAL A 7 -7.61 -11.29 19.17
C VAL A 7 -7.61 -10.32 17.95
N ASP A 8 -7.86 -10.85 16.74
CA ASP A 8 -7.95 -9.99 15.55
C ASP A 8 -9.40 -9.61 15.40
N THR A 9 -9.75 -8.38 15.79
CA THR A 9 -11.13 -7.92 15.72
C THR A 9 -11.60 -7.53 14.33
N CYS A 10 -10.74 -7.61 13.30
CA CYS A 10 -11.13 -7.37 11.91
C CYS A 10 -11.52 -8.66 11.19
N SER A 11 -11.32 -9.83 11.82
CA SER A 11 -11.60 -11.11 11.22
C SER A 11 -12.74 -11.80 11.95
N LEU A 12 -13.57 -12.51 11.20
CA LEU A 12 -14.66 -13.32 11.75
C LEU A 12 -14.30 -14.82 11.75
N ALA A 13 -13.13 -15.19 11.22
CA ALA A 13 -12.63 -16.55 11.14
C ALA A 13 -12.11 -17.04 12.52
N SER A 14 -11.90 -18.37 12.68
CA SER A 14 -11.31 -18.96 13.87
C SER A 14 -9.91 -18.39 14.03
N PRO A 15 -9.54 -18.01 15.25
CA PRO A 15 -8.19 -17.48 15.46
C PRO A 15 -7.11 -18.56 15.31
N ALA A 16 -5.85 -18.13 15.14
CA ALA A 16 -4.71 -19.04 15.03
C ALA A 16 -4.61 -20.01 16.22
N SER A 17 -5.19 -19.66 17.38
CA SER A 17 -5.18 -20.53 18.56
C SER A 17 -6.14 -21.72 18.46
N VAL A 18 -7.06 -21.71 17.47
CA VAL A 18 -8.01 -22.79 17.24
C VAL A 18 -7.48 -23.68 16.11
N CYS A 19 -7.15 -23.07 14.97
CA CYS A 19 -6.62 -23.79 13.82
C CYS A 19 -5.79 -22.83 12.97
N ARG A 20 -4.87 -23.36 12.15
CA ARG A 20 -4.01 -22.52 11.30
C ARG A 20 -4.00 -23.01 9.89
N THR A 21 -4.16 -22.10 8.92
CA THR A 21 -4.07 -22.48 7.52
C THR A 21 -2.58 -22.56 7.19
N LYS A 22 -2.14 -23.72 6.69
CA LYS A 22 -0.74 -23.94 6.36
C LYS A 22 -0.44 -23.72 4.88
N HIS A 23 -1.45 -23.94 4.01
CA HIS A 23 -1.29 -23.88 2.58
C HIS A 23 -2.63 -23.65 1.88
N LEU A 24 -2.59 -22.90 0.76
CA LEU A 24 -3.73 -22.68 -0.10
C LEU A 24 -3.38 -23.19 -1.48
N HIS A 25 -4.16 -24.12 -2.04
CA HIS A 25 -3.97 -24.49 -3.44
C HIS A 25 -5.19 -23.96 -4.16
N LEU A 26 -4.99 -22.89 -4.95
CA LEU A 26 -6.10 -22.24 -5.64
C LEU A 26 -6.18 -22.64 -7.11
N ARG A 27 -7.33 -23.18 -7.53
CA ARG A 27 -7.54 -23.54 -8.93
C ARG A 27 -8.70 -22.68 -9.34
N CYS A 28 -8.46 -21.67 -10.18
CA CYS A 28 -9.54 -20.77 -10.57
C CYS A 28 -9.51 -20.37 -12.02
N SER A 29 -10.60 -19.80 -12.50
CA SER A 29 -10.78 -19.35 -13.86
C SER A 29 -11.30 -17.92 -13.79
N VAL A 30 -10.70 -17.05 -14.59
CA VAL A 30 -11.05 -15.64 -14.64
C VAL A 30 -12.06 -15.40 -15.75
N ASP A 31 -13.31 -15.16 -15.38
CA ASP A 31 -14.37 -14.90 -16.35
C ASP A 31 -14.54 -13.38 -16.56
N PHE A 32 -14.14 -12.86 -17.72
CA PHE A 32 -14.26 -11.42 -17.99
C PHE A 32 -15.66 -11.01 -18.43
N THR A 33 -16.44 -11.94 -19.02
CA THR A 33 -17.81 -11.62 -19.46
C THR A 33 -18.71 -11.52 -18.22
N ARG A 34 -18.54 -12.43 -17.25
CA ARG A 34 -19.32 -12.38 -16.02
C ARG A 34 -18.65 -11.56 -14.91
N ARG A 35 -17.38 -11.14 -15.08
CA ARG A 35 -16.56 -10.41 -14.09
C ARG A 35 -16.51 -11.22 -12.80
N THR A 36 -16.22 -12.51 -12.96
CA THR A 36 -16.18 -13.44 -11.84
C THR A 36 -14.91 -14.28 -11.81
N LEU A 37 -14.50 -14.66 -10.62
CA LEU A 37 -13.38 -15.56 -10.42
C LEU A 37 -14.04 -16.81 -9.83
N THR A 38 -14.03 -17.91 -10.59
CA THR A 38 -14.68 -19.13 -10.14
C THR A 38 -13.66 -20.22 -9.97
N GLY A 39 -13.80 -20.99 -8.91
CA GLY A 39 -12.91 -22.12 -8.72
C GLY A 39 -13.01 -22.78 -7.39
N THR A 40 -11.90 -23.38 -6.98
CA THR A 40 -11.84 -24.05 -5.72
C THR A 40 -10.65 -23.50 -4.95
N ALA A 41 -10.84 -23.33 -3.64
CA ALA A 41 -9.77 -22.92 -2.76
C ALA A 41 -9.58 -24.12 -1.85
N ALA A 42 -8.42 -24.78 -1.93
CA ALA A 42 -8.17 -25.93 -1.07
C ALA A 42 -7.27 -25.49 0.09
N LEU A 43 -7.85 -25.37 1.28
CA LEU A 43 -7.12 -24.98 2.47
C LEU A 43 -6.63 -26.16 3.29
N THR A 44 -5.32 -26.25 3.47
CA THR A 44 -4.73 -27.28 4.33
C THR A 44 -4.74 -26.62 5.69
N VAL A 45 -5.66 -27.05 6.57
CA VAL A 45 -5.78 -26.46 7.89
C VAL A 45 -5.25 -27.40 8.96
N GLN A 46 -4.47 -26.90 9.89
CA GLN A 46 -3.94 -27.70 10.99
C GLN A 46 -4.68 -27.31 12.27
N SER A 47 -5.24 -28.28 12.97
CA SER A 47 -5.90 -28.03 14.25
C SER A 47 -4.86 -27.66 15.30
N GLN A 48 -5.23 -26.76 16.20
CA GLN A 48 -4.42 -26.36 17.34
C GLN A 48 -5.04 -26.82 18.66
N GLU A 49 -6.24 -27.42 18.61
CA GLU A 49 -6.99 -27.89 19.76
C GLU A 49 -7.35 -29.36 19.61
N ASP A 50 -7.69 -30.01 20.72
CA ASP A 50 -8.13 -31.39 20.69
C ASP A 50 -9.61 -31.44 20.34
N ASN A 51 -10.06 -32.52 19.71
CA ASN A 51 -11.48 -32.69 19.36
C ASN A 51 -12.07 -31.48 18.59
N LEU A 52 -11.35 -30.98 17.56
CA LEU A 52 -11.83 -29.84 16.77
C LEU A 52 -12.85 -30.37 15.78
N ARG A 53 -14.11 -29.91 15.86
CA ARG A 53 -15.15 -30.43 14.97
C ARG A 53 -15.71 -29.44 13.97
N SER A 54 -15.28 -28.19 14.03
CA SER A 54 -15.73 -27.17 13.10
C SER A 54 -14.77 -26.01 13.14
N LEU A 55 -14.82 -25.19 12.11
CA LEU A 55 -14.02 -23.98 12.04
C LEU A 55 -14.82 -22.88 11.30
N VAL A 56 -14.35 -21.64 11.39
CA VAL A 56 -15.04 -20.53 10.76
C VAL A 56 -14.06 -19.80 9.87
N LEU A 57 -14.50 -19.45 8.66
CA LEU A 57 -13.67 -18.73 7.72
C LEU A 57 -14.28 -17.36 7.41
N ASP A 58 -13.46 -16.46 6.89
CA ASP A 58 -13.89 -15.16 6.43
C ASP A 58 -14.31 -15.30 4.97
N THR A 59 -15.39 -14.63 4.60
CA THR A 59 -15.86 -14.53 3.22
C THR A 59 -16.49 -13.13 3.08
N LYS A 60 -16.49 -12.58 1.87
CA LYS A 60 -17.14 -11.30 1.63
C LYS A 60 -17.67 -11.29 0.21
N ASP A 61 -19.00 -11.40 0.07
CA ASP A 61 -19.68 -11.42 -1.22
C ASP A 61 -19.28 -12.61 -2.06
N LEU A 62 -19.01 -13.76 -1.42
CA LEU A 62 -18.65 -14.97 -2.16
C LEU A 62 -19.83 -15.88 -2.28
N THR A 63 -20.05 -16.43 -3.46
CA THR A 63 -21.07 -17.45 -3.65
C THR A 63 -20.38 -18.78 -3.41
N ILE A 64 -20.94 -19.65 -2.58
CA ILE A 64 -20.32 -20.94 -2.29
C ILE A 64 -21.16 -22.03 -2.92
N GLU A 65 -20.55 -22.89 -3.75
CA GLU A 65 -21.29 -23.98 -4.39
C GLU A 65 -21.33 -25.20 -3.47
N LYS A 66 -20.20 -25.53 -2.84
CA LYS A 66 -20.07 -26.70 -1.99
C LYS A 66 -18.71 -26.72 -1.25
N VAL A 67 -18.56 -27.60 -0.25
CA VAL A 67 -17.32 -27.75 0.51
C VAL A 67 -17.01 -29.23 0.58
N VAL A 68 -15.86 -29.65 0.06
CA VAL A 68 -15.50 -31.06 -0.01
C VAL A 68 -14.32 -31.41 0.88
N ILE A 69 -14.53 -32.35 1.81
CA ILE A 69 -13.48 -32.80 2.73
C ILE A 69 -13.41 -34.30 2.61
N ASN A 70 -12.22 -34.82 2.24
CA ASN A 70 -11.96 -36.25 2.07
C ASN A 70 -12.87 -36.87 1.00
N GLY A 71 -13.19 -36.11 -0.04
CA GLY A 71 -14.01 -36.60 -1.14
C GLY A 71 -15.51 -36.44 -0.96
N GLN A 72 -15.96 -36.10 0.24
CA GLN A 72 -17.38 -35.97 0.52
C GLN A 72 -17.80 -34.51 0.79
N GLU A 73 -19.01 -34.12 0.37
CA GLU A 73 -19.52 -32.78 0.65
C GLU A 73 -19.92 -32.71 2.12
N VAL A 74 -19.50 -31.64 2.80
CA VAL A 74 -19.81 -31.45 4.21
C VAL A 74 -20.77 -30.26 4.41
N LYS A 75 -21.37 -30.13 5.60
CA LYS A 75 -22.28 -29.03 5.90
C LYS A 75 -21.52 -27.74 6.17
N TYR A 76 -22.14 -26.63 5.80
CA TYR A 76 -21.58 -25.31 6.02
C TYR A 76 -22.72 -24.30 6.17
N ALA A 77 -22.43 -23.18 6.82
CA ALA A 77 -23.43 -22.13 6.98
C ALA A 77 -22.78 -20.77 6.93
N LEU A 78 -23.44 -19.82 6.27
CA LEU A 78 -22.93 -18.47 6.17
C LEU A 78 -23.76 -17.62 7.10
N GLY A 79 -23.10 -16.92 8.02
CA GLY A 79 -23.80 -16.06 8.95
C GLY A 79 -24.19 -14.74 8.31
N GLU A 80 -24.91 -13.90 9.08
CA GLU A 80 -25.34 -12.58 8.65
C GLU A 80 -24.10 -11.70 8.34
N ARG A 81 -24.21 -10.80 7.35
CA ARG A 81 -23.11 -9.95 6.97
C ARG A 81 -22.81 -8.95 8.08
N GLN A 82 -21.52 -8.70 8.31
CA GLN A 82 -21.08 -7.74 9.31
C GLN A 82 -20.42 -6.58 8.61
N SER A 83 -21.19 -5.85 7.83
CA SER A 83 -20.71 -4.66 7.11
C SER A 83 -19.45 -5.00 6.23
N TYR A 84 -18.38 -4.17 6.23
CA TYR A 84 -17.13 -4.36 5.50
C TYR A 84 -16.40 -5.67 5.91
N LYS A 85 -16.76 -6.29 7.06
CA LYS A 85 -16.12 -7.53 7.48
C LYS A 85 -16.57 -8.75 6.68
N GLY A 86 -17.74 -8.67 6.04
CA GLY A 86 -18.29 -9.77 5.28
C GLY A 86 -19.06 -10.75 6.15
N SER A 87 -19.24 -11.97 5.66
CA SER A 87 -20.02 -12.97 6.36
C SER A 87 -19.16 -14.15 6.84
N PRO A 88 -19.35 -14.56 8.10
CA PRO A 88 -18.58 -15.73 8.59
C PRO A 88 -19.08 -17.01 7.93
N MET A 89 -18.18 -17.93 7.65
CA MET A 89 -18.54 -19.21 7.03
C MET A 89 -18.13 -20.35 7.95
N GLU A 90 -19.10 -20.95 8.63
CA GLU A 90 -18.83 -22.06 9.53
C GLU A 90 -18.86 -23.35 8.73
N ILE A 91 -17.83 -24.20 8.88
CA ILE A 91 -17.76 -25.48 8.16
C ILE A 91 -17.75 -26.63 9.17
N SER A 92 -18.65 -27.60 9.03
CA SER A 92 -18.69 -28.76 9.92
C SER A 92 -17.67 -29.79 9.43
N LEU A 93 -16.67 -30.14 10.26
CA LEU A 93 -15.71 -31.15 9.86
C LEU A 93 -16.36 -32.54 9.90
N PRO A 94 -16.05 -33.41 8.92
CA PRO A 94 -16.65 -34.77 8.94
C PRO A 94 -16.09 -35.69 10.02
N ILE A 95 -14.91 -35.37 10.54
CA ILE A 95 -14.21 -36.11 11.60
C ILE A 95 -13.54 -35.09 12.54
N ALA A 96 -13.54 -35.37 13.83
CA ALA A 96 -12.92 -34.55 14.85
C ALA A 96 -11.40 -34.69 14.69
N LEU A 97 -10.67 -33.58 14.85
CA LEU A 97 -9.23 -33.60 14.71
C LEU A 97 -8.53 -33.48 16.05
N SER A 98 -7.43 -34.22 16.24
CA SER A 98 -6.60 -34.04 17.43
C SER A 98 -5.73 -32.79 17.19
N LYS A 99 -5.02 -32.33 18.25
CA LYS A 99 -4.12 -31.20 18.12
C LYS A 99 -3.00 -31.56 17.13
N ASN A 100 -2.69 -30.65 16.20
CA ASN A 100 -1.67 -30.77 15.15
C ASN A 100 -2.09 -31.62 13.95
N GLN A 101 -3.33 -32.14 13.93
CA GLN A 101 -3.79 -32.88 12.77
C GLN A 101 -4.16 -31.93 11.65
N GLU A 102 -3.93 -32.35 10.42
CA GLU A 102 -4.24 -31.52 9.26
C GLU A 102 -5.31 -32.14 8.41
N ILE A 103 -6.08 -31.28 7.73
CA ILE A 103 -7.08 -31.71 6.76
C ILE A 103 -7.07 -30.74 5.60
N VAL A 104 -7.47 -31.21 4.42
CA VAL A 104 -7.63 -30.34 3.26
C VAL A 104 -9.13 -30.08 3.10
N ILE A 105 -9.50 -28.83 2.98
CA ILE A 105 -10.90 -28.43 2.84
C ILE A 105 -10.98 -27.75 1.50
N GLU A 106 -11.68 -28.36 0.54
CA GLU A 106 -11.78 -27.84 -0.80
C GLU A 106 -13.12 -27.10 -1.02
N ILE A 107 -13.05 -25.77 -1.06
CA ILE A 107 -14.24 -24.93 -1.21
C ILE A 107 -14.50 -24.46 -2.63
N SER A 108 -15.65 -24.83 -3.22
CA SER A 108 -15.99 -24.33 -4.55
C SER A 108 -16.68 -23.00 -4.37
N PHE A 109 -16.12 -21.94 -4.93
CA PHE A 109 -16.65 -20.60 -4.75
C PHE A 109 -16.67 -19.77 -6.05
N GLU A 110 -17.30 -18.61 -5.99
CA GLU A 110 -17.40 -17.68 -7.08
C GLU A 110 -17.43 -16.27 -6.49
N THR A 111 -16.57 -15.36 -6.98
CA THR A 111 -16.55 -13.99 -6.46
C THR A 111 -17.73 -13.18 -7.03
N SER A 112 -18.09 -12.09 -6.36
CA SER A 112 -19.12 -11.19 -6.87
C SER A 112 -18.43 -10.22 -7.85
N PRO A 113 -19.09 -9.77 -8.93
CA PRO A 113 -18.47 -8.73 -9.79
C PRO A 113 -18.09 -7.47 -8.98
N LYS A 114 -18.81 -7.22 -7.86
CA LYS A 114 -18.59 -6.09 -6.96
C LYS A 114 -17.53 -6.38 -5.90
N SER A 115 -16.72 -7.43 -6.04
CA SER A 115 -15.65 -7.81 -5.11
C SER A 115 -14.77 -6.62 -4.73
N SER A 116 -14.78 -6.21 -3.45
CA SER A 116 -13.96 -5.06 -3.02
C SER A 116 -12.45 -5.27 -3.23
N ALA A 117 -12.04 -6.52 -3.45
CA ALA A 117 -10.65 -6.86 -3.71
C ALA A 117 -10.25 -6.63 -5.15
N LEU A 118 -11.20 -6.63 -6.09
CA LEU A 118 -10.87 -6.57 -7.50
C LEU A 118 -11.34 -5.35 -8.23
N GLN A 119 -10.65 -5.02 -9.32
CA GLN A 119 -11.14 -4.04 -10.26
C GLN A 119 -11.10 -4.70 -11.63
N TRP A 120 -12.27 -4.78 -12.29
CA TRP A 120 -12.41 -5.33 -13.62
C TRP A 120 -12.40 -4.15 -14.59
N LEU A 121 -11.50 -4.14 -15.55
CA LEU A 121 -11.38 -3.05 -16.50
C LEU A 121 -11.76 -3.50 -17.88
N THR A 122 -12.59 -2.70 -18.55
CA THR A 122 -12.95 -2.97 -19.93
C THR A 122 -11.73 -2.57 -20.80
N PRO A 123 -11.69 -3.04 -22.07
CA PRO A 123 -10.58 -2.63 -22.96
C PRO A 123 -10.33 -1.12 -23.04
N GLU A 124 -11.39 -0.30 -23.03
CA GLU A 124 -11.29 1.17 -23.08
C GLU A 124 -10.59 1.79 -21.89
N GLN A 125 -10.59 1.08 -20.75
CA GLN A 125 -9.93 1.57 -19.54
C GLN A 125 -8.45 1.14 -19.44
N THR A 126 -7.91 0.51 -20.49
CA THR A 126 -6.53 0.05 -20.53
C THR A 126 -5.73 0.89 -21.56
N SER A 127 -4.40 0.70 -21.61
CA SER A 127 -3.53 1.40 -22.57
C SER A 127 -3.76 0.94 -24.03
N GLY A 128 -3.80 -0.36 -24.26
CA GLY A 128 -3.89 -0.96 -25.59
C GLY A 128 -5.25 -0.96 -26.27
N LYS A 129 -6.34 -0.88 -25.48
CA LYS A 129 -7.73 -0.79 -25.93
C LYS A 129 -8.29 -2.03 -26.64
N GLU A 130 -7.55 -3.13 -26.64
CA GLU A 130 -8.02 -4.36 -27.30
C GLU A 130 -8.38 -5.46 -26.31
N HIS A 131 -7.87 -5.39 -25.08
CA HIS A 131 -8.09 -6.44 -24.10
C HIS A 131 -8.54 -5.92 -22.74
N PRO A 132 -9.36 -6.71 -22.03
CA PRO A 132 -9.76 -6.32 -20.67
C PRO A 132 -8.62 -6.55 -19.65
N TYR A 133 -8.83 -6.14 -18.40
CA TYR A 133 -7.80 -6.25 -17.37
C TYR A 133 -8.40 -6.53 -15.98
N LEU A 134 -7.65 -7.17 -15.13
CA LEU A 134 -8.07 -7.46 -13.77
C LEU A 134 -6.86 -7.30 -12.88
N PHE A 135 -7.08 -6.79 -11.68
CA PHE A 135 -6.04 -6.73 -10.66
C PHE A 135 -6.67 -6.79 -9.30
N SER A 136 -5.92 -7.37 -8.36
CA SER A 136 -6.39 -7.47 -7.00
C SER A 136 -5.66 -6.51 -6.08
N GLN A 137 -6.25 -6.24 -4.93
CA GLN A 137 -5.68 -5.43 -3.86
C GLN A 137 -6.26 -5.99 -2.59
N CYS A 138 -5.50 -6.86 -1.92
CA CYS A 138 -6.02 -7.57 -0.77
C CYS A 138 -5.77 -6.85 0.54
N GLN A 139 -4.69 -6.05 0.64
CA GLN A 139 -4.44 -5.33 1.90
C GLN A 139 -5.52 -4.27 2.09
N ALA A 140 -6.17 -4.21 3.28
CA ALA A 140 -5.82 -5.03 4.46
C ALA A 140 -6.68 -6.27 4.63
N ILE A 141 -8.02 -6.13 4.50
CA ILE A 141 -8.91 -7.25 4.73
C ILE A 141 -9.81 -7.51 3.51
N HIS A 142 -9.20 -7.58 2.33
CA HIS A 142 -9.94 -7.86 1.10
C HIS A 142 -9.68 -9.26 0.55
N CYS A 143 -8.75 -10.04 1.14
CA CYS A 143 -8.56 -11.41 0.64
C CYS A 143 -9.84 -12.25 0.77
N ARG A 144 -10.68 -11.94 1.78
CA ARG A 144 -11.97 -12.60 2.01
C ARG A 144 -12.96 -12.35 0.84
N ALA A 145 -12.80 -11.25 0.11
CA ALA A 145 -13.61 -10.91 -1.06
C ALA A 145 -13.14 -11.69 -2.33
N ILE A 146 -12.02 -12.46 -2.23
CA ILE A 146 -11.51 -13.28 -3.31
C ILE A 146 -11.78 -14.73 -2.99
N LEU A 147 -11.35 -15.21 -1.84
CA LEU A 147 -11.52 -16.62 -1.48
C LEU A 147 -11.81 -16.81 0.00
N PRO A 148 -12.47 -17.92 0.39
CA PRO A 148 -12.74 -18.13 1.82
C PRO A 148 -11.42 -18.42 2.54
N CYS A 149 -11.14 -17.70 3.62
CA CYS A 149 -9.86 -17.83 4.29
C CYS A 149 -9.90 -17.28 5.72
N GLN A 150 -8.85 -17.52 6.52
CA GLN A 150 -8.72 -16.88 7.83
C GLN A 150 -8.01 -15.58 7.49
N ASP A 151 -8.78 -14.55 7.12
CA ASP A 151 -8.25 -13.26 6.68
C ASP A 151 -7.65 -12.45 7.83
N THR A 152 -6.47 -12.86 8.32
CA THR A 152 -5.76 -12.25 9.43
C THR A 152 -4.25 -12.39 9.25
N PRO A 153 -3.50 -11.30 9.44
CA PRO A 153 -2.05 -11.39 9.31
C PRO A 153 -1.39 -12.23 10.42
N SER A 154 -2.18 -12.70 11.41
CA SER A 154 -1.66 -13.57 12.46
C SER A 154 -1.41 -14.99 11.96
N VAL A 155 -1.96 -15.36 10.79
CA VAL A 155 -1.80 -16.68 10.20
C VAL A 155 -0.99 -16.53 8.92
N LYS A 156 0.08 -17.33 8.77
CA LYS A 156 0.91 -17.31 7.58
C LYS A 156 0.82 -18.67 6.89
N LEU A 157 0.69 -18.64 5.57
CA LEU A 157 0.56 -19.87 4.80
C LEU A 157 1.32 -19.80 3.51
N THR A 158 1.64 -20.97 2.94
CA THR A 158 2.26 -21.02 1.61
C THR A 158 1.10 -21.19 0.60
N TYR A 159 1.40 -21.12 -0.71
CA TYR A 159 0.34 -21.31 -1.68
C TYR A 159 0.84 -21.73 -3.04
N THR A 160 -0.01 -22.46 -3.75
CA THR A 160 0.19 -22.86 -5.13
C THR A 160 -1.09 -22.41 -5.85
N ALA A 161 -0.97 -22.07 -7.13
CA ALA A 161 -2.14 -21.61 -7.88
C ALA A 161 -2.08 -22.00 -9.33
N GLU A 162 -3.26 -22.21 -9.91
CA GLU A 162 -3.49 -22.53 -11.32
C GLU A 162 -4.63 -21.63 -11.72
N VAL A 163 -4.37 -20.68 -12.60
CA VAL A 163 -5.31 -19.66 -13.02
C VAL A 163 -5.60 -19.76 -14.50
N SER A 164 -6.84 -20.07 -14.87
CA SER A 164 -7.23 -20.16 -16.27
C SER A 164 -7.69 -18.83 -16.73
N VAL A 165 -7.12 -18.34 -17.83
CA VAL A 165 -7.45 -17.04 -18.40
C VAL A 165 -7.54 -17.17 -19.94
N PRO A 166 -8.17 -16.22 -20.69
CA PRO A 166 -8.12 -16.31 -22.17
C PRO A 166 -6.67 -16.43 -22.65
N LYS A 167 -6.40 -17.32 -23.61
CA LYS A 167 -5.03 -17.60 -24.03
C LYS A 167 -4.22 -16.37 -24.47
N GLU A 168 -4.88 -15.29 -24.90
CA GLU A 168 -4.18 -14.09 -25.34
C GLU A 168 -3.63 -13.23 -24.19
N LEU A 169 -4.16 -13.42 -22.97
CA LEU A 169 -3.75 -12.66 -21.79
C LEU A 169 -2.71 -13.39 -20.93
N VAL A 170 -2.12 -12.67 -19.98
CA VAL A 170 -1.11 -13.21 -19.08
C VAL A 170 -1.60 -13.06 -17.66
N ALA A 171 -1.45 -14.10 -16.85
CA ALA A 171 -1.77 -14.02 -15.44
C ALA A 171 -0.44 -13.93 -14.68
N LEU A 172 -0.43 -13.16 -13.59
CA LEU A 172 0.73 -13.02 -12.72
C LEU A 172 0.24 -13.04 -11.27
N MET A 173 1.05 -13.58 -10.37
CA MET A 173 0.71 -13.63 -8.95
C MET A 173 1.90 -13.25 -8.07
N SER A 174 1.64 -13.03 -6.77
CA SER A 174 2.63 -12.74 -5.76
C SER A 174 3.29 -14.08 -5.36
N ALA A 175 3.91 -14.71 -6.35
CA ALA A 175 4.47 -16.04 -6.28
C ALA A 175 5.51 -16.22 -7.43
N ILE A 176 6.26 -17.34 -7.43
CA ILE A 176 7.18 -17.65 -8.51
C ILE A 176 6.36 -18.29 -9.64
N ARG A 177 6.61 -17.90 -10.90
CA ARG A 177 5.92 -18.50 -12.04
C ARG A 177 6.39 -19.93 -12.17
N ASP A 178 5.46 -20.86 -12.08
CA ASP A 178 5.72 -22.29 -12.10
C ASP A 178 5.20 -22.99 -13.36
N GLY A 179 5.25 -22.30 -14.50
CA GLY A 179 4.86 -22.89 -15.77
C GLY A 179 3.51 -22.51 -16.34
N GLU A 180 3.27 -22.90 -17.60
CA GLU A 180 2.01 -22.62 -18.30
C GLU A 180 1.69 -23.69 -19.36
N THR A 181 0.40 -23.92 -19.61
CA THR A 181 -0.09 -24.87 -20.63
C THR A 181 -1.47 -24.44 -21.14
N PRO A 182 -1.89 -24.95 -22.32
CA PRO A 182 -3.28 -24.69 -22.74
C PRO A 182 -4.26 -25.33 -21.74
N ASP A 183 -5.43 -24.73 -21.56
CA ASP A 183 -6.42 -25.28 -20.64
C ASP A 183 -6.97 -26.56 -21.29
N PRO A 184 -6.92 -27.73 -20.62
CA PRO A 184 -7.45 -28.96 -21.24
C PRO A 184 -8.97 -28.88 -21.45
N GLU A 185 -9.68 -28.29 -20.49
CA GLU A 185 -11.13 -28.10 -20.57
C GLU A 185 -11.55 -27.03 -21.60
N ASP A 186 -10.62 -26.15 -22.01
CA ASP A 186 -10.95 -25.08 -22.95
C ASP A 186 -9.71 -24.66 -23.77
N PRO A 187 -9.67 -25.00 -25.07
CA PRO A 187 -8.51 -24.64 -25.89
C PRO A 187 -8.35 -23.14 -26.15
N SER A 188 -9.38 -22.33 -25.85
CA SER A 188 -9.30 -20.88 -25.99
C SER A 188 -8.71 -20.19 -24.73
N ARG A 189 -8.38 -20.97 -23.70
CA ARG A 189 -7.83 -20.47 -22.44
C ARG A 189 -6.48 -21.11 -22.16
N LYS A 190 -5.74 -20.50 -21.27
CA LYS A 190 -4.42 -20.92 -20.90
C LYS A 190 -4.37 -20.95 -19.37
N ILE A 191 -3.65 -21.93 -18.83
CA ILE A 191 -3.48 -22.05 -17.40
C ILE A 191 -2.08 -21.60 -16.98
N TYR A 192 -2.01 -20.63 -16.06
CA TYR A 192 -0.74 -20.15 -15.53
C TYR A 192 -0.59 -20.72 -14.12
N LYS A 193 0.58 -21.31 -13.82
CA LYS A 193 0.83 -21.96 -12.54
C LYS A 193 1.81 -21.14 -11.71
N PHE A 194 1.62 -21.13 -10.38
CA PHE A 194 2.41 -20.34 -9.45
C PHE A 194 2.73 -21.11 -8.19
N ILE A 195 3.85 -20.77 -7.55
CA ILE A 195 4.20 -21.36 -6.27
C ILE A 195 4.82 -20.30 -5.35
N GLN A 196 4.28 -20.18 -4.14
CA GLN A 196 4.83 -19.30 -3.13
C GLN A 196 5.27 -20.19 -1.98
N LYS A 197 6.59 -20.48 -1.91
CA LYS A 197 7.22 -21.35 -0.91
C LYS A 197 7.48 -20.70 0.45
N VAL A 198 7.45 -19.38 0.54
CA VAL A 198 7.66 -18.67 1.79
C VAL A 198 6.32 -18.34 2.41
N PRO A 199 6.08 -18.76 3.68
CA PRO A 199 4.80 -18.47 4.33
C PRO A 199 4.50 -16.97 4.40
N ILE A 200 3.34 -16.59 3.88
CA ILE A 200 2.91 -15.21 3.87
C ILE A 200 1.53 -15.07 4.50
N PRO A 201 1.21 -13.86 5.00
CA PRO A 201 -0.18 -13.60 5.40
C PRO A 201 -1.04 -13.49 4.11
N CYS A 202 -2.31 -13.87 4.15
CA CYS A 202 -3.14 -13.87 2.94
C CYS A 202 -3.33 -12.50 2.31
N TYR A 203 -3.18 -11.40 3.08
CA TYR A 203 -3.31 -10.05 2.51
C TYR A 203 -2.29 -9.77 1.41
N LEU A 204 -1.25 -10.62 1.29
CA LEU A 204 -0.18 -10.57 0.31
C LEU A 204 -0.46 -11.42 -0.94
N ILE A 205 -1.59 -12.14 -1.00
CA ILE A 205 -1.97 -12.91 -2.17
C ILE A 205 -2.40 -11.89 -3.22
N ALA A 206 -1.80 -11.90 -4.41
CA ALA A 206 -2.14 -10.97 -5.47
C ALA A 206 -2.31 -11.67 -6.79
N LEU A 207 -3.12 -11.09 -7.69
CA LEU A 207 -3.36 -11.58 -9.03
C LEU A 207 -3.54 -10.41 -10.00
N VAL A 208 -3.05 -10.56 -11.21
CA VAL A 208 -3.27 -9.61 -12.27
C VAL A 208 -3.44 -10.42 -13.55
N VAL A 209 -4.42 -10.07 -14.38
CA VAL A 209 -4.63 -10.70 -15.67
C VAL A 209 -4.77 -9.57 -16.68
N GLY A 210 -3.96 -9.58 -17.72
CA GLY A 210 -4.03 -8.56 -18.76
C GLY A 210 -3.08 -8.85 -19.90
N ALA A 211 -3.06 -7.95 -20.91
CA ALA A 211 -2.15 -8.12 -22.02
C ALA A 211 -0.85 -7.50 -21.54
N LEU A 212 -0.09 -8.29 -20.80
CA LEU A 212 1.15 -7.86 -20.17
C LEU A 212 2.36 -8.30 -20.95
N GLU A 213 3.40 -7.49 -20.87
CA GLU A 213 4.72 -7.73 -21.43
C GLU A 213 5.77 -7.48 -20.35
N SER A 214 6.95 -8.07 -20.53
CA SER A 214 8.03 -7.88 -19.57
C SER A 214 9.32 -7.48 -20.23
N ARG A 215 10.15 -6.84 -19.44
CA ARG A 215 11.47 -6.47 -19.83
C ARG A 215 12.36 -6.72 -18.57
N GLN A 216 13.51 -7.35 -18.74
CA GLN A 216 14.42 -7.57 -17.62
C GLN A 216 15.15 -6.26 -17.30
N ILE A 217 15.18 -5.87 -16.02
CA ILE A 217 15.91 -4.66 -15.62
C ILE A 217 17.04 -4.97 -14.58
N GLY A 218 17.23 -6.23 -14.22
CA GLY A 218 18.26 -6.68 -13.28
C GLY A 218 18.36 -8.19 -13.19
N PRO A 219 19.36 -8.74 -12.46
CA PRO A 219 19.50 -10.21 -12.39
C PRO A 219 18.30 -10.98 -11.87
N ARG A 220 17.50 -10.34 -11.03
CA ARG A 220 16.33 -10.97 -10.45
C ARG A 220 15.08 -10.12 -10.59
N THR A 221 15.03 -9.21 -11.57
CA THR A 221 13.90 -8.30 -11.72
C THR A 221 13.44 -8.11 -13.15
N LEU A 222 12.15 -8.35 -13.39
CA LEU A 222 11.51 -8.05 -14.65
C LEU A 222 10.49 -6.96 -14.31
N VAL A 223 10.29 -6.05 -15.25
CA VAL A 223 9.29 -5.02 -15.13
C VAL A 223 8.12 -5.50 -16.03
N TRP A 224 6.92 -5.58 -15.47
CA TRP A 224 5.74 -6.00 -16.23
C TRP A 224 4.77 -4.85 -16.37
N SER A 225 4.10 -4.77 -17.53
CA SER A 225 3.08 -3.77 -17.80
CA SER A 225 3.11 -3.74 -17.81
C SER A 225 2.51 -3.97 -19.21
N GLU A 226 1.53 -3.13 -19.63
CA GLU A 226 1.03 -3.21 -21.00
C GLU A 226 2.18 -2.65 -21.88
N LYS A 227 2.29 -3.12 -23.13
CA LYS A 227 3.33 -2.78 -24.11
C LYS A 227 3.72 -1.31 -24.14
N GLU A 228 2.73 -0.39 -24.05
CA GLU A 228 2.93 1.05 -24.12
C GLU A 228 3.75 1.62 -22.97
N GLN A 229 3.79 0.93 -21.82
CA GLN A 229 4.48 1.47 -20.64
C GLN A 229 5.77 0.75 -20.26
N VAL A 230 6.13 -0.34 -20.97
CA VAL A 230 7.32 -1.13 -20.68
C VAL A 230 8.63 -0.32 -20.72
N GLU A 231 8.91 0.36 -21.83
CA GLU A 231 10.13 1.13 -22.00
C GLU A 231 10.31 2.19 -20.92
N LYS A 232 9.26 3.00 -20.65
CA LYS A 232 9.29 4.04 -19.64
C LYS A 232 9.53 3.44 -18.28
N SER A 233 8.88 2.31 -17.97
CA SER A 233 9.01 1.66 -16.66
C SER A 233 10.39 1.09 -16.43
N ALA A 234 10.97 0.49 -17.47
CA ALA A 234 12.30 -0.10 -17.41
C ALA A 234 13.35 0.94 -17.01
N TYR A 235 13.22 2.16 -17.56
CA TYR A 235 14.12 3.25 -17.21
C TYR A 235 13.80 3.77 -15.83
N GLU A 236 12.53 4.04 -15.55
CA GLU A 236 12.13 4.62 -14.28
C GLU A 236 12.63 3.88 -13.06
N PHE A 237 12.51 2.53 -13.11
CA PHE A 237 12.86 1.64 -12.01
C PHE A 237 14.18 0.94 -12.19
N SER A 238 15.10 1.51 -12.95
CA SER A 238 16.41 0.93 -13.21
C SER A 238 17.34 0.84 -11.97
N GLU A 239 17.04 1.56 -10.88
CA GLU A 239 17.84 1.45 -9.65
C GLU A 239 17.39 0.31 -8.72
N THR A 240 16.38 -0.46 -9.12
CA THR A 240 15.82 -1.56 -8.33
C THR A 240 16.87 -2.53 -7.80
N GLU A 241 17.78 -3.04 -8.66
CA GLU A 241 18.80 -3.96 -8.20
C GLU A 241 19.76 -3.34 -7.17
N SER A 242 20.20 -2.08 -7.39
CA SER A 242 21.10 -1.43 -6.43
CA SER A 242 21.10 -1.44 -6.43
C SER A 242 20.40 -1.27 -5.07
N MET A 243 19.10 -0.99 -5.09
CA MET A 243 18.27 -0.83 -3.89
C MET A 243 18.08 -2.17 -3.17
N LEU A 244 17.97 -3.27 -3.93
CA LEU A 244 17.86 -4.62 -3.41
C LEU A 244 19.16 -5.01 -2.72
N LYS A 245 20.31 -4.66 -3.30
CA LYS A 245 21.61 -4.95 -2.69
C LYS A 245 21.79 -4.17 -1.38
N ILE A 246 21.31 -2.92 -1.31
CA ILE A 246 21.42 -2.13 -0.08
C ILE A 246 20.50 -2.70 0.98
N ALA A 247 19.24 -2.99 0.61
CA ALA A 247 18.28 -3.59 1.50
C ALA A 247 18.77 -4.95 2.02
N GLU A 248 19.47 -5.74 1.18
CA GLU A 248 20.03 -7.02 1.64
C GLU A 248 21.13 -6.79 2.69
N ASP A 249 21.90 -5.72 2.54
CA ASP A 249 22.95 -5.39 3.49
C ASP A 249 22.35 -4.92 4.83
N LEU A 250 21.17 -4.27 4.81
CA LEU A 250 20.49 -3.74 5.99
C LEU A 250 19.59 -4.74 6.74
N GLY A 251 18.96 -5.66 6.01
CA GLY A 251 18.05 -6.61 6.62
C GLY A 251 18.38 -8.08 6.45
N GLY A 252 19.49 -8.38 5.81
CA GLY A 252 19.89 -9.77 5.57
C GLY A 252 19.42 -10.29 4.22
N PRO A 253 19.67 -11.57 3.93
CA PRO A 253 19.28 -12.12 2.61
C PRO A 253 17.85 -11.89 2.13
N TYR A 254 17.70 -11.65 0.82
CA TYR A 254 16.39 -11.52 0.20
C TYR A 254 15.97 -12.98 0.02
N VAL A 255 14.88 -13.42 0.68
CA VAL A 255 14.49 -14.83 0.66
C VAL A 255 13.43 -15.21 -0.37
N TRP A 256 12.95 -14.25 -1.14
CA TRP A 256 11.82 -14.47 -2.03
C TRP A 256 12.15 -14.92 -3.44
N GLY A 257 13.43 -15.00 -3.77
CA GLY A 257 13.89 -15.38 -5.09
C GLY A 257 13.85 -14.21 -6.05
N GLN A 258 12.66 -13.94 -6.55
CA GLN A 258 12.46 -12.92 -7.55
C GLN A 258 11.93 -11.62 -6.96
N TYR A 259 12.34 -10.50 -7.52
CA TYR A 259 11.77 -9.21 -7.17
C TYR A 259 11.28 -8.56 -8.46
N ASP A 260 10.04 -8.82 -8.87
CA ASP A 260 9.48 -8.24 -10.09
C ASP A 260 8.65 -7.01 -9.74
N LEU A 261 8.43 -6.13 -10.72
CA LEU A 261 7.59 -4.96 -10.54
C LEU A 261 6.50 -5.00 -11.58
N LEU A 262 5.30 -4.63 -11.20
CA LEU A 262 4.18 -4.57 -12.12
C LEU A 262 3.69 -3.14 -12.14
N VAL A 263 3.59 -2.53 -13.33
CA VAL A 263 3.03 -1.20 -13.45
C VAL A 263 1.57 -1.35 -13.85
N LEU A 264 0.68 -0.99 -12.92
CA LEU A 264 -0.78 -1.16 -13.04
C LEU A 264 -1.43 -0.05 -13.87
N PRO A 265 -2.69 -0.24 -14.33
CA PRO A 265 -3.41 0.89 -14.97
C PRO A 265 -3.50 2.08 -14.02
N PRO A 266 -3.83 3.30 -14.51
CA PRO A 266 -3.85 4.46 -13.61
C PRO A 266 -4.79 4.38 -12.42
N SER A 267 -5.80 3.51 -12.44
CA SER A 267 -6.74 3.41 -11.31
C SER A 267 -6.20 2.70 -10.07
N PHE A 268 -4.95 2.23 -10.08
CA PHE A 268 -4.38 1.55 -8.92
C PHE A 268 -4.43 2.48 -7.68
N PRO A 269 -5.16 2.07 -6.64
CA PRO A 269 -5.39 2.97 -5.49
C PRO A 269 -4.20 3.38 -4.64
N TYR A 270 -3.08 2.66 -4.72
CA TYR A 270 -1.93 2.97 -3.87
C TYR A 270 -0.66 3.30 -4.68
N GLY A 271 0.35 3.81 -4.01
CA GLY A 271 1.62 4.11 -4.66
C GLY A 271 2.32 2.81 -5.03
N GLY A 272 2.27 1.86 -4.11
CA GLY A 272 2.84 0.54 -4.27
C GLY A 272 2.20 -0.46 -3.32
N MET A 273 2.31 -1.73 -3.65
CA MET A 273 1.82 -2.82 -2.80
C MET A 273 2.87 -3.91 -2.88
N GLU A 274 3.47 -4.18 -1.74
CA GLU A 274 4.56 -5.10 -1.56
C GLU A 274 4.19 -6.59 -1.69
N ASN A 275 3.40 -6.98 -2.71
CA ASN A 275 3.04 -8.37 -2.97
C ASN A 275 4.32 -9.14 -3.26
N PRO A 276 4.57 -10.23 -2.49
CA PRO A 276 5.87 -10.93 -2.61
C PRO A 276 6.16 -11.42 -4.01
N CYS A 277 7.38 -11.17 -4.51
CA CYS A 277 7.83 -11.52 -5.87
C CYS A 277 7.32 -10.58 -6.94
N LEU A 278 6.22 -9.85 -6.68
CA LEU A 278 5.64 -8.99 -7.69
C LEU A 278 5.08 -7.72 -7.06
N THR A 279 5.91 -6.70 -6.87
CA THR A 279 5.46 -5.42 -6.32
C THR A 279 4.54 -4.76 -7.35
N PHE A 280 3.44 -4.18 -6.88
CA PHE A 280 2.48 -3.50 -7.72
C PHE A 280 2.72 -1.99 -7.56
N VAL A 281 2.92 -1.24 -8.65
CA VAL A 281 3.14 0.21 -8.55
C VAL A 281 2.18 1.00 -9.41
N THR A 282 1.89 2.23 -8.98
CA THR A 282 1.05 3.17 -9.72
C THR A 282 1.85 3.70 -10.92
N PRO A 283 1.19 3.88 -12.08
CA PRO A 283 1.89 4.51 -13.22
C PRO A 283 2.22 6.00 -13.00
N THR A 284 1.65 6.62 -11.95
CA THR A 284 1.96 8.01 -11.62
C THR A 284 3.41 8.15 -11.11
N LEU A 285 4.14 7.02 -10.88
CA LEU A 285 5.56 7.05 -10.55
C LEU A 285 6.42 7.35 -11.79
N LEU A 286 5.85 7.23 -13.01
CA LEU A 286 6.58 7.43 -14.25
C LEU A 286 6.80 8.92 -14.57
N ALA A 287 7.68 9.57 -13.81
CA ALA A 287 7.97 10.98 -13.98
C ALA A 287 8.98 11.28 -15.10
N GLY A 288 9.74 10.27 -15.52
CA GLY A 288 10.76 10.35 -16.55
C GLY A 288 12.18 10.54 -16.04
N ASP A 289 12.38 10.69 -14.71
CA ASP A 289 13.73 10.97 -14.19
C ASP A 289 14.15 10.19 -12.96
N LYS A 290 13.38 9.14 -12.59
CA LYS A 290 13.62 8.29 -11.42
C LYS A 290 13.38 9.00 -10.07
N SER A 291 12.91 10.27 -10.09
CA SER A 291 12.68 11.08 -8.89
C SER A 291 11.70 10.51 -7.88
N LEU A 292 10.79 9.62 -8.32
CA LEU A 292 9.83 9.00 -7.40
C LEU A 292 10.21 7.55 -7.06
N SER A 293 11.48 7.19 -7.21
CA SER A 293 12.00 5.85 -6.94
C SER A 293 12.00 5.43 -5.47
N ASN A 294 11.78 6.38 -4.53
CA ASN A 294 11.72 6.00 -3.11
C ASN A 294 10.55 5.01 -2.85
N VAL A 295 9.50 5.02 -3.70
CA VAL A 295 8.38 4.10 -3.57
C VAL A 295 8.87 2.67 -3.82
N ILE A 296 9.80 2.47 -4.75
CA ILE A 296 10.40 1.19 -5.01
C ILE A 296 11.28 0.80 -3.83
N ALA A 297 12.09 1.74 -3.31
CA ALA A 297 12.93 1.50 -2.12
C ALA A 297 12.08 1.06 -0.93
N HIS A 298 10.88 1.63 -0.81
CA HIS A 298 9.88 1.31 0.22
C HIS A 298 9.30 -0.09 0.00
N GLU A 299 8.85 -0.43 -1.23
CA GLU A 299 8.29 -1.76 -1.48
C GLU A 299 9.33 -2.87 -1.35
N ILE A 300 10.61 -2.55 -1.69
CA ILE A 300 11.72 -3.49 -1.54
C ILE A 300 11.90 -3.76 -0.05
N SER A 301 11.91 -2.70 0.77
CA SER A 301 12.08 -2.78 2.22
C SER A 301 11.06 -3.69 2.89
N HIS A 302 9.81 -3.72 2.38
CA HIS A 302 8.74 -4.59 2.91
C HIS A 302 9.07 -6.07 2.76
N SER A 303 10.02 -6.43 1.89
CA SER A 303 10.47 -7.82 1.80
C SER A 303 11.07 -8.31 3.14
N TRP A 304 11.30 -7.39 4.09
CA TRP A 304 11.81 -7.67 5.42
C TRP A 304 10.76 -7.24 6.47
N THR A 305 10.44 -5.95 6.51
CA THR A 305 9.50 -5.43 7.51
C THR A 305 8.12 -5.37 6.92
N GLY A 306 7.31 -6.32 7.27
CA GLY A 306 5.98 -6.47 6.74
C GLY A 306 5.79 -7.88 6.21
N ASN A 307 6.65 -8.31 5.28
CA ASN A 307 6.50 -9.63 4.66
C ASN A 307 7.21 -10.75 5.42
N LEU A 308 8.35 -10.45 6.07
CA LEU A 308 9.03 -11.44 6.86
C LEU A 308 8.52 -11.31 8.29
N VAL A 309 8.57 -10.09 8.84
CA VAL A 309 8.07 -9.77 10.17
C VAL A 309 6.74 -9.10 9.93
N THR A 310 5.63 -9.76 10.25
CA THR A 310 4.31 -9.20 9.98
C THR A 310 3.58 -8.74 11.23
N ASN A 311 2.75 -7.69 11.15
CA ASN A 311 1.92 -7.25 12.28
C ASN A 311 0.89 -8.37 12.57
N LYS A 312 0.71 -8.77 13.83
CA LYS A 312 -0.21 -9.86 14.19
C LYS A 312 -1.67 -9.49 13.85
N THR A 313 -2.02 -8.22 14.07
CA THR A 313 -3.33 -7.64 13.78
C THR A 313 -3.14 -6.24 13.18
N TRP A 314 -4.19 -5.69 12.58
CA TRP A 314 -4.15 -4.37 11.98
C TRP A 314 -3.99 -3.25 13.02
N ASP A 315 -4.23 -3.53 14.30
CA ASP A 315 -3.96 -2.56 15.37
C ASP A 315 -2.46 -2.23 15.43
N HIS A 316 -1.59 -3.18 15.06
CA HIS A 316 -0.14 -3.08 15.11
C HIS A 316 0.54 -2.86 13.77
N PHE A 317 -0.23 -2.42 12.76
CA PHE A 317 0.21 -2.11 11.40
C PHE A 317 1.36 -1.11 11.36
N TRP A 318 1.46 -0.21 12.37
CA TRP A 318 2.57 0.77 12.40
C TRP A 318 3.94 0.09 12.31
N LEU A 319 4.06 -1.12 12.84
CA LEU A 319 5.28 -1.92 12.82
C LEU A 319 5.71 -2.20 11.39
N ASN A 320 4.74 -2.46 10.49
CA ASN A 320 4.98 -2.73 9.08
C ASN A 320 5.51 -1.51 8.38
N GLU A 321 4.82 -0.37 8.52
CA GLU A 321 5.15 0.83 7.78
C GLU A 321 6.21 1.67 8.38
N GLY A 322 6.23 1.79 9.69
CA GLY A 322 7.25 2.57 10.37
C GLY A 322 8.66 2.05 10.10
N HIS A 323 8.85 0.73 10.19
CA HIS A 323 10.15 0.11 9.94
C HIS A 323 10.52 0.12 8.45
N THR A 324 9.50 0.00 7.57
CA THR A 324 9.68 0.05 6.14
C THR A 324 10.12 1.44 5.69
N VAL A 325 9.48 2.49 6.20
CA VAL A 325 9.87 3.86 5.90
C VAL A 325 11.28 4.16 6.46
N TYR A 326 11.63 3.54 7.58
CA TYR A 326 12.94 3.68 8.18
C TYR A 326 14.01 3.03 7.29
N LEU A 327 13.75 1.82 6.80
CA LEU A 327 14.66 1.13 5.88
C LEU A 327 14.77 1.86 4.55
N GLU A 328 13.64 2.30 4.00
CA GLU A 328 13.53 3.04 2.73
C GLU A 328 14.40 4.31 2.76
N ARG A 329 14.36 5.04 3.88
CA ARG A 329 15.15 6.26 4.00
C ARG A 329 16.64 5.98 4.15
N HIS A 330 17.01 4.81 4.69
CA HIS A 330 18.41 4.38 4.75
C HIS A 330 18.89 3.97 3.38
N ILE A 331 18.05 3.31 2.57
CA ILE A 331 18.40 2.94 1.20
C ILE A 331 18.66 4.22 0.39
N CYS A 332 17.73 5.17 0.44
CA CYS A 332 17.90 6.44 -0.27
C CYS A 332 19.06 7.27 0.31
N GLY A 333 19.30 7.15 1.61
CA GLY A 333 20.44 7.77 2.28
C GLY A 333 21.75 7.16 1.80
N ARG A 334 21.80 5.84 1.56
CA ARG A 334 23.00 5.14 1.06
C ARG A 334 23.30 5.55 -0.39
N LEU A 335 22.28 5.70 -1.22
CA LEU A 335 22.46 6.07 -2.62
C LEU A 335 22.77 7.53 -2.84
N PHE A 336 22.08 8.44 -2.13
CA PHE A 336 22.19 9.88 -2.37
C PHE A 336 22.73 10.72 -1.23
N GLY A 337 23.09 10.09 -0.11
CA GLY A 337 23.70 10.80 1.00
C GLY A 337 22.84 11.00 2.24
N GLU A 338 23.50 11.13 3.40
CA GLU A 338 22.88 11.32 4.70
C GLU A 338 22.05 12.59 4.78
N LYS A 339 22.50 13.71 4.15
CA LYS A 339 21.70 14.95 4.13
C LYS A 339 20.36 14.70 3.43
N PHE A 340 20.34 13.84 2.39
CA PHE A 340 19.11 13.51 1.67
C PHE A 340 18.17 12.68 2.54
N ARG A 341 18.71 11.80 3.41
CA ARG A 341 17.89 11.03 4.33
C ARG A 341 17.21 11.98 5.32
N HIS A 342 17.94 13.01 5.81
CA HIS A 342 17.39 13.99 6.74
C HIS A 342 16.35 14.87 6.07
N PHE A 343 16.52 15.22 4.80
CA PHE A 343 15.59 16.01 4.01
C PHE A 343 14.25 15.27 3.91
N ASN A 344 14.29 13.96 3.56
CA ASN A 344 13.10 13.12 3.45
C ASN A 344 12.46 12.86 4.77
N ALA A 345 13.29 12.69 5.82
CA ALA A 345 12.78 12.46 7.17
C ALA A 345 12.02 13.71 7.64
N LEU A 346 12.60 14.90 7.41
CA LEU A 346 12.01 16.17 7.80
C LEU A 346 10.72 16.44 7.04
N GLY A 347 10.71 16.11 5.74
CA GLY A 347 9.51 16.24 4.91
C GLY A 347 8.42 15.31 5.42
N GLY A 348 8.82 14.11 5.85
CA GLY A 348 7.93 13.13 6.44
C GLY A 348 7.27 13.64 7.71
N TRP A 349 8.02 14.37 8.56
CA TRP A 349 7.46 15.01 9.76
C TRP A 349 6.38 16.03 9.34
N GLY A 350 6.64 16.78 8.26
CA GLY A 350 5.69 17.73 7.69
C GLY A 350 4.42 17.08 7.19
N GLU A 351 4.52 15.86 6.67
CA GLU A 351 3.35 15.08 6.24
C GLU A 351 2.55 14.62 7.48
N LEU A 352 3.25 14.31 8.58
CA LEU A 352 2.62 13.94 9.83
C LEU A 352 1.88 15.14 10.41
N GLN A 353 2.47 16.35 10.32
CA GLN A 353 1.83 17.59 10.75
C GLN A 353 0.49 17.78 10.02
N ASN A 354 0.48 17.50 8.71
CA ASN A 354 -0.71 17.64 7.85
C ASN A 354 -1.79 16.68 8.24
N SER A 355 -1.43 15.39 8.47
CA SER A 355 -2.39 14.37 8.86
C SER A 355 -2.99 14.67 10.23
N VAL A 356 -2.15 15.11 11.19
CA VAL A 356 -2.63 15.45 12.51
C VAL A 356 -3.55 16.68 12.44
N LYS A 357 -3.26 17.65 11.55
CA LYS A 357 -4.10 18.83 11.39
C LYS A 357 -5.44 18.48 10.75
N THR A 358 -5.44 17.61 9.73
CA THR A 358 -6.65 17.21 9.02
C THR A 358 -7.65 16.47 9.90
N PHE A 359 -7.16 15.47 10.66
CA PHE A 359 -7.97 14.66 11.55
C PHE A 359 -8.30 15.37 12.86
N GLY A 360 -7.39 16.20 13.34
CA GLY A 360 -7.52 16.84 14.64
C GLY A 360 -6.54 16.17 15.60
N GLU A 361 -5.89 16.95 16.50
CA GLU A 361 -4.88 16.41 17.42
C GLU A 361 -5.42 15.45 18.50
N THR A 362 -6.74 15.31 18.63
CA THR A 362 -7.32 14.37 19.59
C THR A 362 -7.87 13.09 18.92
N HIS A 363 -7.90 13.05 17.58
CA HIS A 363 -8.44 11.96 16.80
C HIS A 363 -7.73 10.64 17.06
N PRO A 364 -8.51 9.57 17.32
CA PRO A 364 -7.88 8.26 17.59
C PRO A 364 -7.07 7.69 16.44
N PHE A 365 -7.32 8.12 15.17
CA PHE A 365 -6.56 7.66 14.01
C PHE A 365 -5.14 8.28 13.95
N THR A 366 -4.86 9.31 14.75
CA THR A 366 -3.50 9.86 14.85
C THR A 366 -2.67 9.06 15.90
N LYS A 367 -3.26 8.04 16.59
CA LYS A 367 -2.55 7.19 17.53
C LYS A 367 -1.71 6.20 16.72
N LEU A 368 -0.56 5.82 17.26
CA LEU A 368 0.32 4.87 16.61
C LEU A 368 -0.33 3.51 16.64
N VAL A 369 -0.74 3.07 17.84
CA VAL A 369 -1.42 1.80 18.00
C VAL A 369 -2.90 2.12 18.13
N VAL A 370 -3.71 1.63 17.19
CA VAL A 370 -5.14 1.89 17.19
C VAL A 370 -5.97 0.68 17.61
N ASP A 371 -7.25 0.88 17.92
CA ASP A 371 -8.17 -0.20 18.21
C ASP A 371 -9.11 -0.23 17.00
N LEU A 372 -8.91 -1.18 16.07
CA LEU A 372 -9.71 -1.21 14.86
C LEU A 372 -10.99 -1.99 14.93
N THR A 373 -11.48 -2.27 16.15
CA THR A 373 -12.79 -2.90 16.36
C THR A 373 -13.84 -1.89 15.90
N ASP A 374 -14.76 -2.33 15.04
CA ASP A 374 -15.79 -1.44 14.49
C ASP A 374 -15.27 -0.38 13.52
N ILE A 375 -13.99 -0.42 13.14
CA ILE A 375 -13.42 0.53 12.19
C ILE A 375 -12.91 -0.19 10.94
N ASP A 376 -13.38 0.22 9.74
CA ASP A 376 -12.91 -0.31 8.47
C ASP A 376 -11.45 0.12 8.31
N PRO A 377 -10.49 -0.82 8.15
CA PRO A 377 -9.09 -0.42 8.02
C PRO A 377 -8.81 0.56 6.88
N ASP A 378 -9.56 0.47 5.75
CA ASP A 378 -9.41 1.39 4.63
C ASP A 378 -9.71 2.84 5.01
N VAL A 379 -10.62 3.06 5.98
CA VAL A 379 -10.99 4.38 6.49
C VAL A 379 -9.89 4.94 7.44
N ALA A 380 -9.29 4.07 8.26
CA ALA A 380 -8.21 4.47 9.16
C ALA A 380 -6.87 4.75 8.44
N TYR A 381 -6.73 4.27 7.19
CA TYR A 381 -5.50 4.39 6.44
C TYR A 381 -5.10 5.85 6.16
N SER A 382 -3.84 6.20 6.47
CA SER A 382 -3.25 7.52 6.29
C SER A 382 -1.72 7.44 6.47
N SER A 383 -1.06 8.60 6.51
CA SER A 383 0.37 8.75 6.72
C SER A 383 0.78 8.50 8.17
N VAL A 384 -0.17 8.51 9.12
CA VAL A 384 0.15 8.35 10.53
C VAL A 384 0.98 7.09 10.83
N PRO A 385 0.54 5.84 10.51
CA PRO A 385 1.40 4.68 10.81
C PRO A 385 2.79 4.77 10.19
N TYR A 386 2.90 5.43 9.02
CA TYR A 386 4.13 5.62 8.26
C TYR A 386 5.09 6.60 8.93
N GLU A 387 4.64 7.85 9.10
CA GLU A 387 5.44 8.94 9.59
C GLU A 387 5.56 9.00 11.07
N LYS A 388 4.48 8.73 11.80
CA LYS A 388 4.58 8.68 13.26
C LYS A 388 5.44 7.47 13.67
N GLY A 389 5.31 6.36 12.93
CA GLY A 389 6.09 5.15 13.15
C GLY A 389 7.55 5.44 12.88
N PHE A 390 7.84 6.05 11.71
CA PHE A 390 9.18 6.45 11.32
C PHE A 390 9.79 7.40 12.36
N ALA A 391 9.03 8.43 12.81
CA ALA A 391 9.51 9.41 13.77
C ALA A 391 9.96 8.77 15.06
N LEU A 392 9.26 7.71 15.50
CA LEU A 392 9.64 6.98 16.72
C LEU A 392 10.97 6.29 16.54
N LEU A 393 11.16 5.63 15.41
CA LEU A 393 12.40 4.92 15.12
C LEU A 393 13.56 5.90 14.92
N PHE A 394 13.31 7.02 14.27
CA PHE A 394 14.33 8.04 14.05
C PHE A 394 14.71 8.70 15.39
N TYR A 395 13.73 8.90 16.29
CA TYR A 395 13.97 9.44 17.61
C TYR A 395 14.77 8.43 18.44
N LEU A 396 14.43 7.13 18.36
CA LEU A 396 15.14 6.07 19.08
C LEU A 396 16.58 5.99 18.57
N GLU A 397 16.76 6.08 17.23
CA GLU A 397 18.07 6.06 16.57
C GLU A 397 18.98 7.15 17.16
N GLN A 398 18.48 8.36 17.33
CA GLN A 398 19.27 9.45 17.88
C GLN A 398 19.56 9.30 19.36
N LEU A 399 18.60 8.73 20.08
CA LEU A 399 18.69 8.50 21.51
C LEU A 399 19.69 7.40 21.87
N LEU A 400 19.71 6.35 21.04
CA LEU A 400 20.49 5.14 21.29
C LEU A 400 21.91 5.10 20.69
N GLY A 401 22.37 6.16 20.05
CA GLY A 401 23.75 6.19 19.54
C GLY A 401 23.97 6.38 18.05
N GLY A 402 22.90 6.55 17.27
CA GLY A 402 23.03 6.80 15.85
C GLY A 402 22.55 5.72 14.91
N PRO A 403 22.57 6.04 13.60
CA PRO A 403 22.08 5.09 12.60
C PRO A 403 22.74 3.74 12.57
N GLU A 404 24.05 3.66 12.76
CA GLU A 404 24.78 2.41 12.70
C GLU A 404 24.38 1.44 13.81
N ILE A 405 24.15 1.96 15.02
CA ILE A 405 23.71 1.20 16.18
C ILE A 405 22.29 0.75 15.97
N PHE A 406 21.39 1.68 15.58
CA PHE A 406 20.00 1.33 15.33
C PHE A 406 19.81 0.36 14.15
N LEU A 407 20.68 0.41 13.13
CA LEU A 407 20.60 -0.56 12.02
C LEU A 407 21.00 -1.99 12.49
N GLY A 408 21.78 -2.09 13.56
CA GLY A 408 22.14 -3.37 14.14
C GLY A 408 20.90 -3.99 14.79
N PHE A 409 20.07 -3.17 15.44
CA PHE A 409 18.84 -3.61 16.06
C PHE A 409 17.88 -4.07 14.97
N LEU A 410 17.68 -3.26 13.92
CA LEU A 410 16.76 -3.62 12.85
C LEU A 410 17.10 -4.96 12.20
N LYS A 411 18.39 -5.25 11.98
CA LYS A 411 18.77 -6.54 11.40
C LYS A 411 18.48 -7.69 12.38
N ALA A 412 18.79 -7.51 13.68
CA ALA A 412 18.52 -8.52 14.69
C ALA A 412 17.01 -8.74 14.85
N TYR A 413 16.22 -7.67 14.74
CA TYR A 413 14.76 -7.65 14.83
C TYR A 413 14.16 -8.47 13.69
N VAL A 414 14.69 -8.28 12.47
CA VAL A 414 14.21 -9.03 11.32
C VAL A 414 14.54 -10.50 11.48
N GLU A 415 15.77 -10.81 11.92
CA GLU A 415 16.20 -12.20 12.10
C GLU A 415 15.33 -12.90 13.15
N LYS A 416 15.17 -12.26 14.31
CA LYS A 416 14.38 -12.72 15.44
C LYS A 416 12.94 -13.07 15.07
N PHE A 417 12.27 -12.20 14.31
CA PHE A 417 10.85 -12.39 14.02
C PHE A 417 10.54 -12.78 12.58
N SER A 418 11.53 -13.32 11.85
CA SER A 418 11.28 -13.77 10.47
C SER A 418 10.24 -14.89 10.45
N TYR A 419 9.32 -14.83 9.46
CA TYR A 419 8.22 -15.77 9.25
C TYR A 419 7.19 -15.77 10.39
N LYS A 420 7.16 -14.69 11.20
CA LYS A 420 6.25 -14.55 12.35
C LYS A 420 5.41 -13.29 12.29
N SER A 421 4.30 -13.29 13.04
CA SER A 421 3.41 -12.15 13.22
C SER A 421 3.55 -11.70 14.68
N ILE A 422 3.83 -10.42 14.89
CA ILE A 422 4.08 -9.87 16.21
C ILE A 422 3.29 -8.58 16.49
N THR A 423 3.19 -8.21 17.77
CA THR A 423 2.51 -7.02 18.25
C THR A 423 3.52 -5.93 18.71
N THR A 424 3.03 -4.73 19.09
CA THR A 424 3.89 -3.65 19.58
C THR A 424 4.66 -4.05 20.86
N ASP A 425 4.06 -4.86 21.73
CA ASP A 425 4.73 -5.32 22.93
C ASP A 425 5.88 -6.30 22.63
N ASP A 426 5.73 -7.10 21.55
CA ASP A 426 6.79 -8.02 21.11
C ASP A 426 7.99 -7.20 20.63
N TRP A 427 7.73 -6.16 19.82
CA TRP A 427 8.76 -5.25 19.32
C TRP A 427 9.48 -4.56 20.50
N LYS A 428 8.71 -4.08 21.47
CA LYS A 428 9.22 -3.36 22.63
C LYS A 428 10.09 -4.24 23.53
N ASP A 429 9.68 -5.50 23.79
CA ASP A 429 10.50 -6.40 24.61
C ASP A 429 11.83 -6.68 23.89
N PHE A 430 11.76 -6.95 22.58
CA PHE A 430 12.98 -7.18 21.81
C PHE A 430 13.91 -5.97 21.78
N LEU A 431 13.36 -4.75 21.63
CA LEU A 431 14.15 -3.51 21.64
C LEU A 431 14.83 -3.35 22.99
N TYR A 432 14.09 -3.62 24.09
CA TYR A 432 14.63 -3.52 25.44
C TYR A 432 15.71 -4.57 25.71
N SER A 433 15.52 -5.77 25.17
CA SER A 433 16.43 -6.90 25.29
C SER A 433 17.74 -6.61 24.53
N TYR A 434 17.64 -6.20 23.24
CA TYR A 434 18.77 -5.88 22.38
C TYR A 434 19.59 -4.73 22.95
N PHE A 435 18.91 -3.72 23.49
CA PHE A 435 19.57 -2.55 24.06
C PHE A 435 19.59 -2.63 25.60
N LYS A 436 19.92 -3.80 26.15
CA LYS A 436 19.98 -3.98 27.61
C LYS A 436 20.96 -3.02 28.32
N ASP A 437 22.09 -2.68 27.69
CA ASP A 437 23.04 -1.74 28.28
C ASP A 437 22.59 -0.27 28.22
N LYS A 438 21.44 -0.01 27.57
CA LYS A 438 20.85 1.32 27.41
C LYS A 438 19.38 1.33 27.85
N VAL A 439 19.00 0.49 28.83
CA VAL A 439 17.64 0.45 29.34
C VAL A 439 17.30 1.77 30.05
N ASP A 440 18.29 2.43 30.68
CA ASP A 440 18.09 3.74 31.32
C ASP A 440 17.66 4.77 30.28
N VAL A 441 18.26 4.72 29.08
CA VAL A 441 17.92 5.64 27.99
C VAL A 441 16.50 5.36 27.47
N LEU A 442 16.17 4.07 27.28
CA LEU A 442 14.86 3.63 26.83
C LEU A 442 13.77 4.01 27.85
N ASN A 443 14.11 4.01 29.15
CA ASN A 443 13.16 4.37 30.21
C ASN A 443 12.84 5.87 30.28
N GLN A 444 13.46 6.71 29.44
CA GLN A 444 13.14 8.13 29.32
C GLN A 444 12.08 8.38 28.22
N VAL A 445 11.83 7.37 27.36
CA VAL A 445 10.83 7.49 26.32
C VAL A 445 9.44 7.48 26.92
N ASP A 446 8.62 8.45 26.55
CA ASP A 446 7.24 8.50 26.99
C ASP A 446 6.47 7.49 26.11
N TRP A 447 6.54 6.20 26.47
CA TRP A 447 5.90 5.15 25.70
C TRP A 447 4.39 5.31 25.58
N ASN A 448 3.70 5.75 26.65
CA ASN A 448 2.25 5.93 26.58
C ASN A 448 1.85 6.95 25.55
N ALA A 449 2.57 8.09 25.49
CA ALA A 449 2.25 9.11 24.51
C ALA A 449 2.68 8.69 23.12
N TRP A 450 3.87 8.12 22.98
CA TRP A 450 4.37 7.67 21.68
C TRP A 450 3.48 6.62 21.03
N LEU A 451 3.13 5.57 21.78
CA LEU A 451 2.34 4.48 21.24
C LEU A 451 0.84 4.67 21.28
N TYR A 452 0.30 5.25 22.37
CA TYR A 452 -1.16 5.28 22.55
C TYR A 452 -1.82 6.64 22.55
N SER A 453 -1.07 7.74 22.46
CA SER A 453 -1.70 9.06 22.49
C SER A 453 -1.93 9.68 21.12
N PRO A 454 -3.06 10.39 20.91
CA PRO A 454 -3.27 11.08 19.65
C PRO A 454 -2.40 12.35 19.51
N GLY A 455 -2.39 12.92 18.32
CA GLY A 455 -1.67 14.15 18.02
C GLY A 455 -0.25 13.94 17.60
N LEU A 456 0.54 15.01 17.58
CA LEU A 456 1.95 14.93 17.23
C LEU A 456 2.70 14.25 18.35
N PRO A 457 3.81 13.58 18.04
CA PRO A 457 4.60 12.93 19.09
C PRO A 457 5.12 13.93 20.13
N PRO A 458 5.34 13.47 21.37
CA PRO A 458 5.83 14.39 22.41
C PRO A 458 7.21 14.98 22.13
N ILE A 459 8.06 14.27 21.40
CA ILE A 459 9.41 14.74 21.08
C ILE A 459 9.64 14.72 19.58
N LYS A 460 10.20 15.80 19.06
CA LYS A 460 10.53 15.92 17.65
C LYS A 460 12.01 15.65 17.51
N PRO A 461 12.39 14.69 16.65
CA PRO A 461 13.81 14.41 16.43
C PRO A 461 14.60 15.61 15.88
N ASN A 462 15.92 15.47 15.80
CA ASN A 462 16.79 16.48 15.24
C ASN A 462 16.96 16.19 13.76
N TYR A 463 16.95 17.23 12.92
CA TYR A 463 17.11 17.03 11.48
C TYR A 463 18.11 18.02 10.90
N ASP A 464 18.97 17.53 10.03
CA ASP A 464 19.89 18.34 9.27
C ASP A 464 19.03 19.13 8.26
N MET A 465 19.32 20.43 8.11
CA MET A 465 18.54 21.35 7.29
C MET A 465 19.19 21.76 5.97
N THR A 466 20.32 21.15 5.59
CA THR A 466 21.05 21.56 4.39
C THR A 466 20.19 21.65 3.11
N LEU A 467 19.44 20.62 2.78
CA LEU A 467 18.61 20.62 1.56
C LEU A 467 17.25 21.31 1.74
N THR A 468 16.79 21.49 2.98
CA THR A 468 15.48 22.07 3.26
C THR A 468 15.52 23.59 3.28
N ASN A 469 16.64 24.18 3.74
CA ASN A 469 16.80 25.62 3.84
C ASN A 469 16.34 26.40 2.60
N ALA A 470 16.73 25.96 1.40
CA ALA A 470 16.39 26.61 0.16
C ALA A 470 14.87 26.62 -0.10
N CYS A 471 14.20 25.52 0.26
CA CYS A 471 12.75 25.33 0.09
C CYS A 471 11.98 26.25 1.03
N ILE A 472 12.41 26.33 2.28
CA ILE A 472 11.81 27.21 3.27
C ILE A 472 12.06 28.65 2.87
N ALA A 473 13.26 28.99 2.38
CA ALA A 473 13.59 30.35 1.99
C ALA A 473 12.72 30.83 0.84
N LEU A 474 12.52 30.02 -0.21
CA LEU A 474 11.69 30.43 -1.33
C LEU A 474 10.21 30.48 -0.95
N SER A 475 9.77 29.53 -0.14
CA SER A 475 8.40 29.49 0.33
C SER A 475 8.06 30.72 1.17
N GLN A 476 8.99 31.11 2.06
CA GLN A 476 8.83 32.29 2.91
C GLN A 476 8.89 33.59 2.11
N ARG A 477 9.66 33.62 1.01
CA ARG A 477 9.73 34.79 0.13
C ARG A 477 8.36 34.98 -0.52
N TRP A 478 7.70 33.90 -0.95
CA TRP A 478 6.39 34.01 -1.58
C TRP A 478 5.31 34.41 -0.59
N ILE A 479 5.30 33.78 0.60
CA ILE A 479 4.31 34.03 1.65
C ILE A 479 4.37 35.46 2.19
N THR A 480 5.58 35.98 2.41
CA THR A 480 5.76 37.35 2.88
C THR A 480 5.71 38.41 1.78
N ALA A 481 5.70 38.01 0.51
CA ALA A 481 5.65 38.94 -0.62
C ALA A 481 4.33 39.70 -0.71
N LYS A 482 4.43 40.98 -1.07
CA LYS A 482 3.27 41.81 -1.34
C LYS A 482 3.23 41.98 -2.87
N GLU A 483 2.16 42.56 -3.40
CA GLU A 483 2.01 42.76 -4.84
C GLU A 483 3.24 43.43 -5.50
N ASP A 484 3.85 44.41 -4.81
CA ASP A 484 5.00 45.10 -5.39
C ASP A 484 6.33 44.31 -5.30
N ASP A 485 6.27 43.07 -4.79
CA ASP A 485 7.40 42.14 -4.72
C ASP A 485 7.27 41.00 -5.75
N LEU A 486 6.11 40.87 -6.41
CA LEU A 486 5.83 39.83 -7.36
C LEU A 486 6.74 39.81 -8.56
N ASN A 487 7.12 40.98 -9.06
CA ASN A 487 8.01 41.05 -10.22
C ASN A 487 9.48 40.70 -9.89
N SER A 488 9.84 40.60 -8.60
CA SER A 488 11.18 40.15 -8.20
C SER A 488 11.31 38.62 -8.36
N PHE A 489 10.20 37.87 -8.59
CA PHE A 489 10.30 36.43 -8.79
C PHE A 489 10.66 36.18 -10.24
N ASN A 490 11.52 35.17 -10.44
CA ASN A 490 12.08 34.81 -11.75
C ASN A 490 12.28 33.29 -11.83
N ALA A 491 12.34 32.73 -13.04
CA ALA A 491 12.60 31.30 -13.22
C ALA A 491 13.93 30.86 -12.56
N THR A 492 14.89 31.79 -12.43
CA THR A 492 16.19 31.52 -11.80
C THR A 492 16.06 31.19 -10.31
N ASP A 493 14.90 31.44 -9.68
CA ASP A 493 14.67 31.08 -8.27
C ASP A 493 14.75 29.55 -8.08
N LEU A 494 14.41 28.78 -9.13
CA LEU A 494 14.41 27.30 -9.08
C LEU A 494 15.66 26.66 -9.67
N LYS A 495 16.62 27.45 -10.20
CA LYS A 495 17.77 26.88 -10.89
C LYS A 495 18.61 25.88 -10.06
N ASP A 496 18.79 26.11 -8.74
CA ASP A 496 19.55 25.17 -7.93
C ASP A 496 18.67 24.22 -7.09
N LEU A 497 17.41 24.04 -7.50
CA LEU A 497 16.50 23.16 -6.79
C LEU A 497 16.29 21.88 -7.59
N SER A 498 16.49 20.74 -6.94
CA SER A 498 16.19 19.45 -7.57
C SER A 498 14.64 19.29 -7.59
N SER A 499 14.11 18.24 -8.24
CA SER A 499 12.66 18.03 -8.25
C SER A 499 12.13 17.81 -6.84
N HIS A 500 12.91 17.17 -5.97
CA HIS A 500 12.53 16.93 -4.58
C HIS A 500 12.40 18.22 -3.83
N GLN A 501 13.33 19.15 -4.07
CA GLN A 501 13.32 20.48 -3.46
C GLN A 501 12.17 21.32 -4.00
N LEU A 502 11.77 21.12 -5.26
CA LEU A 502 10.61 21.83 -5.83
C LEU A 502 9.36 21.32 -5.08
N ASN A 503 9.27 20.01 -4.87
CA ASN A 503 8.14 19.41 -4.19
C ASN A 503 8.09 19.89 -2.74
N GLU A 504 9.24 20.00 -2.07
CA GLU A 504 9.27 20.48 -0.68
C GLU A 504 8.91 21.98 -0.63
N PHE A 505 9.35 22.78 -1.63
CA PHE A 505 8.95 24.18 -1.75
C PHE A 505 7.39 24.27 -1.84
N LEU A 506 6.76 23.47 -2.71
CA LEU A 506 5.29 23.50 -2.84
C LEU A 506 4.60 23.00 -1.56
N ALA A 507 5.16 21.95 -0.92
CA ALA A 507 4.60 21.40 0.32
C ALA A 507 4.64 22.43 1.43
N GLN A 508 5.75 23.17 1.58
CA GLN A 508 5.87 24.23 2.61
C GLN A 508 4.83 25.33 2.33
N THR A 509 4.69 25.73 1.07
CA THR A 509 3.74 26.77 0.66
C THR A 509 2.29 26.34 0.90
N LEU A 510 1.97 25.07 0.58
CA LEU A 510 0.64 24.47 0.74
C LEU A 510 0.23 24.40 2.21
N GLN A 511 1.18 24.27 3.14
CA GLN A 511 0.86 24.29 4.58
C GLN A 511 0.32 25.68 5.02
N ARG A 512 0.62 26.73 4.26
CA ARG A 512 0.15 28.08 4.53
C ARG A 512 -0.88 28.56 3.49
N ALA A 513 -1.51 27.63 2.74
CA ALA A 513 -2.50 28.00 1.73
C ALA A 513 -3.83 28.39 2.38
N PRO A 514 -4.58 29.32 1.77
CA PRO A 514 -4.33 29.93 0.48
C PRO A 514 -3.38 31.11 0.48
N LEU A 515 -2.71 31.30 -0.64
CA LEU A 515 -1.91 32.48 -0.91
C LEU A 515 -2.82 33.41 -1.79
N PRO A 516 -2.55 34.73 -1.94
CA PRO A 516 -3.42 35.55 -2.82
C PRO A 516 -3.42 35.00 -4.25
N LEU A 517 -4.54 35.13 -4.95
CA LEU A 517 -4.70 34.66 -6.32
C LEU A 517 -3.64 35.23 -7.26
N GLY A 518 -3.30 36.50 -7.08
CA GLY A 518 -2.26 37.14 -7.88
C GLY A 518 -0.89 36.50 -7.67
N HIS A 519 -0.61 35.98 -6.46
CA HIS A 519 0.67 35.32 -6.19
C HIS A 519 0.72 34.01 -6.97
N ILE A 520 -0.37 33.23 -6.92
CA ILE A 520 -0.50 31.98 -7.63
C ILE A 520 -0.39 32.20 -9.13
N LYS A 521 -1.04 33.24 -9.65
CA LYS A 521 -0.93 33.60 -11.07
C LYS A 521 0.51 33.93 -11.46
N ARG A 522 1.22 34.67 -10.59
CA ARG A 522 2.62 35.03 -10.86
C ARG A 522 3.51 33.78 -10.83
N MET A 523 3.25 32.84 -9.92
CA MET A 523 3.96 31.57 -9.82
C MET A 523 3.90 30.80 -11.13
N GLN A 524 2.72 30.75 -11.78
CA GLN A 524 2.59 30.09 -13.07
C GLN A 524 3.35 30.87 -14.14
N GLU A 525 3.24 32.22 -14.12
CA GLU A 525 3.96 33.10 -15.06
C GLU A 525 5.46 32.81 -15.05
N VAL A 526 6.10 32.78 -13.88
CA VAL A 526 7.55 32.59 -13.82
C VAL A 526 8.04 31.14 -13.74
N TYR A 527 7.25 30.23 -13.17
CA TYR A 527 7.73 28.86 -12.95
C TYR A 527 7.17 27.83 -13.91
N ASN A 528 6.04 28.15 -14.59
CA ASN A 528 5.35 27.23 -15.51
C ASN A 528 5.11 25.86 -14.85
N PHE A 529 4.60 25.88 -13.60
CA PHE A 529 4.30 24.64 -12.90
C PHE A 529 3.20 23.82 -13.60
N ASN A 530 2.36 24.46 -14.45
CA ASN A 530 1.32 23.73 -15.17
C ASN A 530 1.92 22.74 -16.17
N ALA A 531 3.15 22.97 -16.64
CA ALA A 531 3.83 22.08 -17.58
C ALA A 531 4.52 20.88 -16.91
N ILE A 532 4.59 20.83 -15.59
CA ILE A 532 5.28 19.75 -14.90
C ILE A 532 4.40 18.51 -14.86
N ASN A 533 4.96 17.38 -15.31
CA ASN A 533 4.25 16.10 -15.40
C ASN A 533 4.38 15.27 -14.14
N ASN A 534 5.48 15.47 -13.35
CA ASN A 534 5.76 14.81 -12.08
C ASN A 534 4.54 14.92 -11.19
N SER A 535 3.86 13.79 -10.97
CA SER A 535 2.58 13.70 -10.25
C SER A 535 2.60 14.27 -8.86
N GLU A 536 3.72 14.14 -8.13
CA GLU A 536 3.81 14.68 -6.78
C GLU A 536 3.81 16.21 -6.78
N ILE A 537 4.62 16.83 -7.67
CA ILE A 537 4.72 18.28 -7.80
C ILE A 537 3.41 18.82 -8.39
N ARG A 538 2.92 18.19 -9.47
CA ARG A 538 1.66 18.58 -10.12
C ARG A 538 0.51 18.59 -9.11
N PHE A 539 0.39 17.53 -8.31
CA PHE A 539 -0.64 17.37 -7.27
C PHE A 539 -0.62 18.57 -6.31
N ARG A 540 0.54 18.85 -5.68
CA ARG A 540 0.67 19.95 -4.74
C ARG A 540 0.42 21.31 -5.37
N TRP A 541 0.87 21.50 -6.63
CA TRP A 541 0.62 22.75 -7.33
C TRP A 541 -0.85 22.96 -7.58
N LEU A 542 -1.58 21.93 -8.01
CA LEU A 542 -3.02 22.06 -8.28
C LEU A 542 -3.83 22.23 -6.99
N ARG A 543 -3.38 21.61 -5.90
CA ARG A 543 -4.01 21.79 -4.57
C ARG A 543 -3.83 23.27 -4.17
N LEU A 544 -2.63 23.81 -4.39
CA LEU A 544 -2.32 25.20 -4.08
C LEU A 544 -3.22 26.13 -4.88
N CYS A 545 -3.39 25.86 -6.17
CA CYS A 545 -4.25 26.65 -7.05
C CYS A 545 -5.69 26.61 -6.65
N ILE A 546 -6.22 25.43 -6.33
CA ILE A 546 -7.61 25.25 -5.93
C ILE A 546 -7.88 25.89 -4.57
N GLN A 547 -7.02 25.62 -3.55
CA GLN A 547 -7.19 26.27 -2.26
C GLN A 547 -7.05 27.78 -2.34
N SER A 548 -6.22 28.28 -3.28
CA SER A 548 -6.09 29.72 -3.52
C SER A 548 -7.17 30.31 -4.46
N LYS A 549 -8.16 29.47 -4.85
CA LYS A 549 -9.34 29.83 -5.61
C LYS A 549 -9.07 30.29 -7.05
N TRP A 550 -8.17 29.59 -7.77
CA TRP A 550 -7.93 29.90 -9.18
C TRP A 550 -8.88 29.04 -10.02
N GLU A 551 -9.86 29.66 -10.67
CA GLU A 551 -10.83 28.91 -11.48
C GLU A 551 -10.20 28.19 -12.67
N ASP A 552 -9.14 28.76 -13.27
CA ASP A 552 -8.43 28.17 -14.39
C ASP A 552 -7.84 26.80 -14.07
N ALA A 553 -7.56 26.53 -12.79
CA ALA A 553 -6.99 25.28 -12.34
C ALA A 553 -8.03 24.17 -12.15
N ILE A 554 -9.32 24.52 -12.04
CA ILE A 554 -10.42 23.56 -11.90
C ILE A 554 -10.38 22.44 -12.96
N PRO A 555 -10.35 22.71 -14.30
CA PRO A 555 -10.27 21.58 -15.26
C PRO A 555 -8.99 20.76 -15.09
N LEU A 556 -7.86 21.42 -14.79
CA LEU A 556 -6.62 20.68 -14.55
C LEU A 556 -6.73 19.74 -13.37
N ALA A 557 -7.32 20.21 -12.25
CA ALA A 557 -7.46 19.39 -11.04
C ALA A 557 -8.50 18.28 -11.26
N LEU A 558 -9.63 18.58 -11.92
CA LEU A 558 -10.66 17.58 -12.23
C LEU A 558 -10.05 16.46 -13.08
N LYS A 559 -9.23 16.83 -14.09
CA LYS A 559 -8.53 15.87 -14.93
C LYS A 559 -7.58 14.98 -14.12
N MET A 560 -6.73 15.56 -13.26
CA MET A 560 -5.80 14.73 -12.48
C MET A 560 -6.49 13.81 -11.52
N ALA A 561 -7.63 14.23 -10.96
CA ALA A 561 -8.39 13.40 -10.02
C ALA A 561 -9.05 12.20 -10.73
N THR A 562 -9.35 12.32 -12.02
CA THR A 562 -10.05 11.25 -12.75
C THR A 562 -9.17 10.45 -13.74
N GLU A 563 -8.14 11.06 -14.35
CA GLU A 563 -7.25 10.34 -15.29
C GLU A 563 -6.34 9.33 -14.57
N GLN A 564 -6.16 9.48 -13.24
CA GLN A 564 -5.45 8.53 -12.38
C GLN A 564 -6.33 8.31 -11.13
N GLY A 565 -6.04 7.23 -10.39
CA GLY A 565 -6.84 6.91 -9.21
C GLY A 565 -6.05 6.66 -7.95
N ARG A 566 -4.77 7.04 -7.90
CA ARG A 566 -3.95 6.84 -6.70
C ARG A 566 -4.50 7.75 -5.61
N MET A 567 -5.12 7.16 -4.57
CA MET A 567 -5.85 7.84 -3.50
C MET A 567 -5.12 9.00 -2.87
N LYS A 568 -3.79 8.93 -2.74
CA LYS A 568 -2.94 10.00 -2.20
C LYS A 568 -3.17 11.31 -2.98
N PHE A 569 -3.48 11.20 -4.28
CA PHE A 569 -3.76 12.34 -5.14
C PHE A 569 -5.26 12.52 -5.38
N THR A 570 -5.98 11.47 -5.80
CA THR A 570 -7.40 11.56 -6.11
C THR A 570 -8.26 12.06 -4.92
N ARG A 571 -8.03 11.50 -3.73
CA ARG A 571 -8.81 11.89 -2.57
C ARG A 571 -8.67 13.36 -2.17
N PRO A 572 -7.47 13.94 -1.97
CA PRO A 572 -7.41 15.37 -1.62
C PRO A 572 -7.79 16.31 -2.76
N LEU A 573 -7.64 15.88 -4.01
CA LEU A 573 -8.01 16.72 -5.15
C LEU A 573 -9.52 16.92 -5.16
N PHE A 574 -10.27 15.81 -4.97
CA PHE A 574 -11.72 15.83 -4.91
C PHE A 574 -12.20 16.67 -3.73
N LYS A 575 -11.55 16.55 -2.55
CA LYS A 575 -11.92 17.30 -1.34
C LYS A 575 -11.72 18.80 -1.54
N ASP A 576 -10.57 19.18 -2.12
CA ASP A 576 -10.26 20.58 -2.42
C ASP A 576 -11.28 21.14 -3.41
N LEU A 577 -11.60 20.37 -4.46
CA LEU A 577 -12.58 20.79 -5.46
C LEU A 577 -13.99 20.90 -4.88
N ALA A 578 -14.33 20.04 -3.91
CA ALA A 578 -15.62 20.08 -3.23
C ALA A 578 -15.70 21.26 -2.26
N ALA A 579 -14.56 21.65 -1.65
CA ALA A 579 -14.51 22.78 -0.71
C ALA A 579 -14.54 24.14 -1.39
N PHE A 580 -14.17 24.20 -2.70
CA PHE A 580 -14.15 25.43 -3.47
C PHE A 580 -15.57 25.57 -4.08
N ASP A 581 -16.30 26.64 -3.73
CA ASP A 581 -17.68 26.80 -4.19
C ASP A 581 -17.86 26.76 -5.71
N LYS A 582 -16.89 27.31 -6.46
CA LYS A 582 -16.92 27.34 -7.92
C LYS A 582 -16.83 25.94 -8.55
N SER A 583 -16.09 25.02 -7.91
CA SER A 583 -15.94 23.69 -8.45
C SER A 583 -16.75 22.61 -7.75
N HIS A 584 -17.43 22.94 -6.64
CA HIS A 584 -18.19 21.97 -5.85
C HIS A 584 -19.16 21.11 -6.71
N ASP A 585 -20.08 21.72 -7.47
CA ASP A 585 -21.01 20.94 -8.29
C ASP A 585 -20.27 20.08 -9.32
N GLN A 586 -19.18 20.61 -9.90
CA GLN A 586 -18.36 19.89 -10.87
C GLN A 586 -17.68 18.67 -10.27
N ALA A 587 -17.13 18.81 -9.04
CA ALA A 587 -16.44 17.71 -8.35
C ALA A 587 -17.43 16.59 -8.03
N VAL A 588 -18.62 16.96 -7.56
CA VAL A 588 -19.68 16.02 -7.23
C VAL A 588 -20.20 15.31 -8.47
N ARG A 589 -20.42 16.04 -9.58
CA ARG A 589 -20.92 15.43 -10.82
C ARG A 589 -19.89 14.49 -11.44
N THR A 590 -18.63 14.91 -11.44
CA THR A 590 -17.50 14.14 -11.97
C THR A 590 -17.37 12.84 -11.20
N TYR A 591 -17.52 12.89 -9.87
CA TYR A 591 -17.48 11.68 -9.06
C TYR A 591 -18.62 10.72 -9.47
N GLN A 592 -19.86 11.22 -9.55
CA GLN A 592 -21.03 10.43 -9.92
C GLN A 592 -20.91 9.71 -11.26
N GLU A 593 -20.36 10.38 -12.27
CA GLU A 593 -20.21 9.76 -13.59
C GLU A 593 -19.00 8.81 -13.68
N HIS A 594 -17.98 9.00 -12.83
CA HIS A 594 -16.83 8.10 -12.82
C HIS A 594 -16.96 6.93 -11.83
N LYS A 595 -17.87 7.04 -10.85
CA LYS A 595 -18.09 6.08 -9.77
C LYS A 595 -18.09 4.62 -10.24
N ALA A 596 -18.89 4.29 -11.28
CA ALA A 596 -19.00 2.93 -11.83
C ALA A 596 -17.67 2.41 -12.37
N SER A 597 -16.87 3.30 -13.00
CA SER A 597 -15.57 2.94 -13.58
C SER A 597 -14.41 3.02 -12.58
N MET A 598 -14.68 3.35 -11.31
CA MET A 598 -13.63 3.52 -10.31
C MET A 598 -13.32 2.25 -9.53
N HIS A 599 -12.14 2.21 -8.87
CA HIS A 599 -11.76 1.10 -8.01
C HIS A 599 -12.75 1.07 -6.84
N PRO A 600 -13.25 -0.11 -6.45
CA PRO A 600 -14.29 -0.15 -5.40
C PRO A 600 -13.93 0.55 -4.08
N VAL A 601 -12.66 0.54 -3.66
CA VAL A 601 -12.26 1.20 -2.42
C VAL A 601 -12.09 2.74 -2.62
N THR A 602 -11.52 3.16 -3.76
CA THR A 602 -11.36 4.58 -4.07
C THR A 602 -12.76 5.21 -4.23
N ALA A 603 -13.73 4.48 -4.82
CA ALA A 603 -15.10 4.99 -4.96
C ALA A 603 -15.75 5.18 -3.58
N MET A 604 -15.59 4.20 -2.68
CA MET A 604 -16.18 4.28 -1.35
C MET A 604 -15.62 5.46 -0.57
N LEU A 605 -14.29 5.58 -0.52
CA LEU A 605 -13.62 6.64 0.22
C LEU A 605 -13.83 8.02 -0.38
N VAL A 606 -13.82 8.16 -1.72
CA VAL A 606 -14.11 9.46 -2.32
C VAL A 606 -15.58 9.86 -2.01
N GLY A 607 -16.48 8.88 -1.99
CA GLY A 607 -17.88 9.08 -1.62
C GLY A 607 -18.04 9.60 -0.21
N LYS A 608 -17.29 9.02 0.75
CA LYS A 608 -17.29 9.44 2.16
C LYS A 608 -16.73 10.85 2.34
N ASP A 609 -15.61 11.17 1.67
CA ASP A 609 -14.99 12.48 1.79
C ASP A 609 -15.90 13.56 1.26
N LEU A 610 -16.56 13.28 0.13
CA LEU A 610 -17.48 14.20 -0.54
C LEU A 610 -18.87 14.22 0.06
N LYS A 611 -19.21 13.22 0.92
CA LYS A 611 -20.52 13.03 1.52
C LYS A 611 -21.59 12.80 0.46
N VAL A 612 -21.24 11.95 -0.53
CA VAL A 612 -22.11 11.56 -1.64
C VAL A 612 -22.33 10.07 -1.52
N ASP A 613 -23.59 9.65 -1.36
CA ASP A 613 -23.92 8.23 -1.26
C ASP A 613 -24.34 7.65 -2.63
#